data_4OEK
#
_entry.id   4OEK
#
_cell.length_a   53.166
_cell.length_b   79.891
_cell.length_c   75.284
_cell.angle_alpha   90.00
_cell.angle_beta   101.80
_cell.angle_gamma   90.00
#
_symmetry.space_group_name_H-M   'P 1 21 1'
#
loop_
_entity.id
_entity.type
_entity.pdbx_description
1 polymer Lactoperoxidase
2 branched 2-acetamido-2-deoxy-beta-D-glucopyranose-(1-4)-2-acetamido-2-deoxy-beta-D-glucopyranose
3 non-polymer 2-acetamido-2-deoxy-beta-D-glucopyranose
4 non-polymer 'PROTOPORPHYRIN IX CONTAINING FE'
5 non-polymer 'CALCIUM ION'
6 non-polymer 'IODIDE ION'
7 non-polymer 'THIOCYANATE ION'
8 non-polymer 1,2-ETHANEDIOL
9 non-polymer 2-PHENYLETHYLAMINE
10 water water
#
_entity_poly.entity_id   1
_entity_poly.type   'polypeptide(L)'
_entity_poly.pdbx_seq_one_letter_code
;SWEVGCGAPVPLVTCDEQSPYRTITGDCNNRRSPALGAANRALARWLPAEYEDGLAVPFGWTQRKTRNGFRVPLAREVSN
KIVGYLDEEGVLDQNRSLLFMQWGQIVDHDLDFAPETELGSSEHSKVQCEEYCVQGDECFPIMFPKNDPKLKTQGKCMPF
FRAGFVCPTPPYQSLARDQINAVTSFLDASLVYGSEP(SEP)LASRLRNLSSPLGLMAVNQEAWDHGLAYPPFNNVKPSP
CEFINTTAHVPCFQAGDSRASEQILLATVHTLLLREHNRLARELKRLNPHWDGEMLYQEARKILGAFIQIITFRDYLPIV
LGSEMQKWIPPYQGYNNSVDPRISNVFTFAFRFGHMEVPSTVSRLDENYQPWGPEAELPLHTLFFNTWRIIKDGGIDPLV
RGLLAKNSKLMNQNKMVTSELRNKLFQPTHKVHGFDLAAINLQRCRDHGMPGYNSWRGFCGLSQPKTLKGLQAVLKNKVL
AKKLLDLYKTPDNIDIWIGGNAEPMVERGRVGPLLACLLGRQFQQIRDGDRFWWENPGVFTEKQRDSLQKVSFSRLICDN
THITKVPLHAFQANNYPHDFVDCSAVDKLDLSPWASREN
;
_entity_poly.pdbx_strand_id   A
#
# COMPACT_ATOMS: atom_id res chain seq x y z
N SER A 1 -8.90 23.19 -16.69
CA SER A 1 -8.19 23.70 -17.90
C SER A 1 -9.05 23.52 -19.16
N TRP A 2 -9.28 22.26 -19.47
CA TRP A 2 -10.00 21.86 -20.69
C TRP A 2 -11.49 21.89 -20.42
N GLU A 3 -12.11 20.73 -20.52
CA GLU A 3 -13.53 20.54 -20.17
C GLU A 3 -13.68 20.77 -18.66
N VAL A 4 -14.67 21.60 -18.31
CA VAL A 4 -14.96 21.96 -16.90
C VAL A 4 -14.58 20.79 -15.97
N GLY A 5 -15.14 19.64 -16.27
CA GLY A 5 -14.85 18.37 -15.58
C GLY A 5 -15.23 17.21 -16.48
N CYS A 6 -14.52 16.11 -16.37
CA CYS A 6 -14.61 15.02 -17.37
C CYS A 6 -15.88 14.15 -17.29
N GLY A 7 -16.37 13.78 -18.47
CA GLY A 7 -17.71 13.14 -18.64
C GLY A 7 -17.77 11.62 -18.76
N ALA A 8 -17.82 10.99 -17.60
CA ALA A 8 -18.11 9.53 -17.43
C ALA A 8 -17.58 8.95 -16.10
N PRO A 9 -17.97 9.55 -14.95
CA PRO A 9 -17.56 9.08 -13.65
C PRO A 9 -18.65 8.24 -12.98
N VAL A 10 -18.60 8.12 -11.67
CA VAL A 10 -19.72 7.55 -10.88
C VAL A 10 -20.67 8.71 -10.52
N PRO A 11 -21.67 9.02 -11.38
CA PRO A 11 -22.36 10.30 -11.29
C PRO A 11 -23.42 10.48 -10.18
N LEU A 12 -23.96 9.38 -9.67
CA LEU A 12 -25.06 9.44 -8.67
C LEU A 12 -24.57 9.40 -7.21
N VAL A 13 -24.40 10.58 -6.62
CA VAL A 13 -24.12 10.72 -5.18
C VAL A 13 -24.90 11.88 -4.54
N THR A 14 -25.71 11.52 -3.56
CA THR A 14 -26.48 12.52 -2.81
C THR A 14 -25.96 12.56 -1.38
N CYS A 15 -25.43 13.71 -1.02
CA CYS A 15 -24.85 13.91 0.31
C CYS A 15 -25.97 14.09 1.36
N ASP A 16 -26.00 13.16 2.29
CA ASP A 16 -26.84 13.24 3.48
C ASP A 16 -26.64 14.60 4.14
N GLU A 17 -25.40 14.87 4.49
CA GLU A 17 -24.94 16.19 5.01
C GLU A 17 -25.00 16.25 6.55
N GLN A 18 -25.91 15.49 7.12
CA GLN A 18 -26.01 15.39 8.59
C GLN A 18 -25.35 14.13 9.14
N SER A 19 -25.11 13.18 8.26
CA SER A 19 -24.56 11.87 8.63
C SER A 19 -23.29 12.01 9.46
N PRO A 20 -23.22 11.28 10.57
CA PRO A 20 -22.00 11.28 11.36
C PRO A 20 -20.95 10.30 10.86
N TYR A 21 -21.26 9.59 9.79
CA TYR A 21 -20.34 8.56 9.24
C TYR A 21 -19.84 8.85 7.82
N ARG A 22 -18.66 8.34 7.54
CA ARG A 22 -18.03 8.41 6.21
C ARG A 22 -18.86 7.57 5.28
N THR A 23 -19.06 8.03 4.07
CA THR A 23 -19.65 7.18 3.03
C THR A 23 -18.61 6.09 2.69
N ILE A 24 -19.04 5.00 2.09
CA ILE A 24 -18.07 3.98 1.66
C ILE A 24 -17.12 4.50 0.59
N THR A 25 -17.68 5.17 -0.40
CA THR A 25 -16.90 5.64 -1.54
C THR A 25 -15.97 6.82 -1.20
N GLY A 26 -16.22 7.43 -0.05
CA GLY A 26 -15.46 8.62 0.39
C GLY A 26 -16.02 9.94 -0.13
N ASP A 27 -17.02 9.86 -0.99
CA ASP A 27 -17.79 11.04 -1.37
C ASP A 27 -18.30 11.73 -0.11
N CYS A 28 -18.61 13.00 -0.26
CA CYS A 28 -19.23 13.82 0.80
C CYS A 28 -18.33 14.16 2.00
N ASN A 29 -17.05 13.82 1.93
CA ASN A 29 -16.10 14.25 2.97
C ASN A 29 -16.00 15.77 2.91
N ASN A 30 -15.62 16.27 1.76
CA ASN A 30 -15.66 17.72 1.56
C ASN A 30 -17.07 18.14 1.16
N ARG A 31 -17.59 19.14 1.84
CA ARG A 31 -18.97 19.61 1.60
C ARG A 31 -19.10 20.54 0.41
N ARG A 32 -18.15 21.45 0.28
CA ARG A 32 -18.16 22.43 -0.82
C ARG A 32 -17.91 21.71 -2.16
N SER A 33 -17.00 20.74 -2.12
CA SER A 33 -16.55 20.01 -3.32
C SER A 33 -16.54 18.48 -3.07
N PRO A 34 -17.74 17.85 -3.04
CA PRO A 34 -18.02 16.48 -2.58
C PRO A 34 -17.27 15.30 -3.22
N ALA A 35 -16.85 15.43 -4.45
CA ALA A 35 -16.03 14.36 -5.09
C ALA A 35 -14.59 14.24 -4.52
N LEU A 36 -14.13 15.28 -3.83
CA LEU A 36 -12.75 15.29 -3.32
C LEU A 36 -12.47 14.12 -2.37
N GLY A 37 -11.55 13.28 -2.80
CA GLY A 37 -11.04 12.21 -1.94
C GLY A 37 -11.79 10.93 -2.18
N ALA A 38 -12.88 11.03 -2.90
CA ALA A 38 -13.67 9.87 -3.26
C ALA A 38 -12.93 8.93 -4.21
N ALA A 39 -13.18 7.65 -4.05
CA ALA A 39 -12.56 6.60 -4.85
C ALA A 39 -13.05 6.66 -6.30
N ASN A 40 -12.33 5.95 -7.13
CA ASN A 40 -12.60 5.86 -8.58
C ASN A 40 -12.66 7.21 -9.31
N ARG A 41 -11.89 8.14 -8.78
CA ARG A 41 -11.60 9.43 -9.41
C ARG A 41 -10.14 9.45 -9.86
N ALA A 42 -9.79 10.46 -10.64
CA ALA A 42 -8.41 10.64 -11.12
C ALA A 42 -7.52 10.91 -9.94
N LEU A 43 -6.35 10.29 -9.92
CA LEU A 43 -5.26 10.68 -8.97
C LEU A 43 -4.88 12.12 -9.20
N ALA A 44 -4.61 12.85 -8.13
CA ALA A 44 -4.27 14.29 -8.24
C ALA A 44 -2.95 14.51 -9.00
N ARG A 45 -2.91 15.56 -9.79
CA ARG A 45 -1.68 15.98 -10.49
C ARG A 45 -1.07 17.22 -9.84
N TRP A 46 -0.15 16.97 -8.92
CA TRP A 46 0.60 18.03 -8.27
C TRP A 46 1.47 18.78 -9.22
N LEU A 47 1.89 18.08 -10.26
CA LEU A 47 2.61 18.68 -11.39
C LEU A 47 2.02 18.17 -12.71
N PRO A 48 2.11 18.95 -13.78
CA PRO A 48 1.56 18.43 -15.02
C PRO A 48 2.21 17.12 -15.43
N ALA A 49 1.42 16.24 -16.00
CA ALA A 49 1.95 14.97 -16.57
C ALA A 49 2.92 15.21 -17.72
N GLU A 50 3.93 14.37 -17.77
CA GLU A 50 4.93 14.36 -18.83
C GLU A 50 4.88 13.03 -19.56
N TYR A 51 4.51 13.10 -20.82
CA TYR A 51 4.38 11.94 -21.69
C TYR A 51 5.11 12.30 -22.96
N GLU A 52 5.61 11.33 -23.69
CA GLU A 52 6.42 11.66 -24.91
C GLU A 52 5.62 12.44 -25.97
N ASP A 53 4.32 12.25 -25.98
CA ASP A 53 3.44 13.04 -26.89
C ASP A 53 2.68 14.15 -26.14
N GLY A 54 3.00 14.31 -24.87
CA GLY A 54 2.40 15.37 -24.03
C GLY A 54 1.03 15.06 -23.43
N LEU A 55 0.54 13.86 -23.70
CA LEU A 55 -0.87 13.50 -23.48
C LEU A 55 -1.07 12.12 -22.86
N ALA A 56 -0.54 11.11 -23.51
CA ALA A 56 -0.80 9.71 -23.08
C ALA A 56 0.34 8.71 -23.30
N VAL A 57 1.10 8.94 -24.33
CA VAL A 57 2.19 8.04 -24.78
C VAL A 57 3.33 8.08 -23.77
N PRO A 58 3.64 6.93 -23.15
CA PRO A 58 4.66 6.97 -22.11
C PRO A 58 6.05 7.07 -22.68
N PHE A 59 6.92 7.76 -21.97
CA PHE A 59 8.33 7.79 -22.33
C PHE A 59 8.88 6.37 -22.32
N GLY A 60 9.66 6.06 -23.32
CA GLY A 60 10.20 4.71 -23.50
C GLY A 60 9.48 3.88 -24.54
N TRP A 61 8.34 4.41 -24.99
CA TRP A 61 7.46 3.71 -25.95
C TRP A 61 8.09 3.74 -27.32
N THR A 62 8.18 4.92 -27.91
CA THR A 62 8.69 5.05 -29.28
C THR A 62 10.22 5.03 -29.21
N GLN A 63 10.81 4.04 -29.86
CA GLN A 63 12.28 3.86 -29.85
C GLN A 63 12.98 5.20 -30.16
N ARG A 64 12.61 5.79 -31.27
CA ARG A 64 13.26 7.01 -31.78
C ARG A 64 12.98 8.33 -31.01
N LYS A 65 12.06 8.31 -30.04
CA LYS A 65 11.72 9.51 -29.28
C LYS A 65 12.49 9.58 -27.96
N THR A 66 13.29 10.62 -27.82
CA THR A 66 14.07 10.83 -26.59
C THR A 66 13.26 11.49 -25.47
N ARG A 67 13.80 11.43 -24.27
CA ARG A 67 13.41 12.33 -23.17
C ARG A 67 14.58 13.28 -22.93
N ASN A 68 14.38 14.53 -23.25
CA ASN A 68 15.43 15.57 -23.15
C ASN A 68 16.67 15.23 -24.01
N GLY A 69 16.43 14.69 -25.18
CA GLY A 69 17.53 14.35 -26.07
C GLY A 69 18.23 13.04 -25.76
N PHE A 70 17.67 12.23 -24.87
CA PHE A 70 18.22 10.89 -24.55
C PHE A 70 17.18 9.79 -24.55
N ARG A 71 17.59 8.63 -25.03
CA ARG A 71 16.76 7.43 -24.90
C ARG A 71 16.64 7.14 -23.40
N VAL A 72 15.45 6.73 -22.99
CA VAL A 72 15.21 6.33 -21.62
C VAL A 72 15.62 4.87 -21.53
N PRO A 73 16.27 4.48 -20.42
CA PRO A 73 16.79 3.13 -20.34
C PRO A 73 15.69 2.13 -20.07
N LEU A 74 15.87 0.90 -20.52
CA LEU A 74 14.92 -0.18 -20.19
C LEU A 74 14.73 -0.33 -18.66
N ALA A 75 13.47 -0.32 -18.25
CA ALA A 75 13.07 -0.52 -16.86
C ALA A 75 13.87 -1.64 -16.20
N ARG A 76 13.87 -2.75 -16.91
CA ARG A 76 14.52 -3.99 -16.46
C ARG A 76 16.04 -3.87 -16.37
N GLU A 77 16.59 -3.05 -17.25
CA GLU A 77 18.03 -2.80 -17.20
C GLU A 77 18.40 -1.97 -15.94
N VAL A 78 17.54 -0.99 -15.63
CA VAL A 78 17.67 -0.18 -14.40
C VAL A 78 17.56 -1.09 -13.20
N SER A 79 16.67 -2.05 -13.30
CA SER A 79 16.47 -3.01 -12.22
C SER A 79 17.75 -3.82 -11.97
N ASN A 80 18.27 -4.37 -13.05
CA ASN A 80 19.44 -5.25 -13.01
C ASN A 80 20.71 -4.56 -12.53
N LYS A 81 20.95 -3.38 -13.05
CA LYS A 81 22.21 -2.66 -12.81
C LYS A 81 22.23 -1.86 -11.51
N ILE A 82 21.06 -1.60 -10.98
CA ILE A 82 21.00 -0.71 -9.82
C ILE A 82 20.27 -1.42 -8.70
N VAL A 83 19.03 -1.80 -8.99
CA VAL A 83 18.13 -2.30 -7.92
C VAL A 83 18.55 -3.62 -7.29
N GLY A 84 19.17 -4.47 -8.09
CA GLY A 84 19.44 -5.86 -7.66
C GLY A 84 20.66 -6.10 -6.81
N TYR A 85 20.65 -7.23 -6.14
CA TYR A 85 21.78 -7.68 -5.30
C TYR A 85 21.65 -9.17 -4.93
N LEU A 86 22.78 -9.77 -4.59
CA LEU A 86 22.87 -11.23 -4.34
C LEU A 86 22.71 -11.59 -2.85
N ASP A 87 23.48 -10.89 -2.04
CA ASP A 87 23.71 -11.27 -0.65
C ASP A 87 22.71 -10.62 0.31
N GLU A 88 21.91 -11.44 0.95
CA GLU A 88 20.86 -10.99 1.90
C GLU A 88 21.41 -10.80 3.31
N GLU A 89 22.61 -11.29 3.53
CA GLU A 89 23.27 -11.08 4.83
C GLU A 89 23.55 -9.60 5.08
N GLY A 90 23.29 -9.18 6.30
CA GLY A 90 23.55 -7.82 6.75
C GLY A 90 22.61 -6.76 6.20
N VAL A 91 21.48 -7.18 5.65
CA VAL A 91 20.53 -6.23 5.01
C VAL A 91 19.39 -5.80 5.91
N LEU A 92 19.26 -6.47 7.04
CA LEU A 92 18.14 -6.21 7.96
C LEU A 92 18.30 -4.86 8.67
N ASP A 93 17.18 -4.28 9.00
CA ASP A 93 17.10 -3.02 9.71
C ASP A 93 17.16 -3.34 11.21
N GLN A 94 18.21 -2.94 11.89
CA GLN A 94 18.35 -3.18 13.33
C GLN A 94 17.41 -2.46 14.27
N ASN A 95 16.67 -1.47 13.81
CA ASN A 95 15.59 -0.88 14.58
C ASN A 95 14.24 -0.75 13.92
N ARG A 96 13.82 -1.68 13.09
CA ARG A 96 12.42 -1.69 12.64
C ARG A 96 11.95 -3.13 12.53
N SER A 97 10.99 -3.50 13.33
CA SER A 97 10.33 -4.80 13.17
C SER A 97 9.82 -5.02 11.75
N LEU A 98 9.57 -6.26 11.42
CA LEU A 98 8.96 -6.62 10.13
C LEU A 98 7.59 -5.96 9.93
N LEU A 99 6.97 -5.63 11.05
CA LEU A 99 5.68 -4.95 11.07
C LEU A 99 5.73 -3.55 10.49
N PHE A 100 6.90 -2.94 10.53
CA PHE A 100 7.08 -1.58 10.03
C PHE A 100 6.90 -1.57 8.51
N MET A 101 7.47 -2.56 7.86
CA MET A 101 7.24 -2.77 6.44
C MET A 101 5.77 -3.05 6.18
N GLN A 102 5.26 -4.03 6.89
CA GLN A 102 3.92 -4.49 6.61
C GLN A 102 2.88 -3.36 6.77
N TRP A 103 3.06 -2.54 7.80
CA TRP A 103 2.11 -1.44 8.10
C TRP A 103 2.05 -0.42 6.99
N GLY A 104 3.22 -0.11 6.48
CA GLY A 104 3.31 0.65 5.26
C GLY A 104 2.39 0.10 4.17
N GLN A 105 2.46 -1.20 3.94
CA GLN A 105 1.73 -1.80 2.81
C GLN A 105 0.23 -1.64 3.04
N ILE A 106 -0.16 -1.89 4.29
CA ILE A 106 -1.53 -1.72 4.76
C ILE A 106 -2.01 -0.29 4.48
N VAL A 107 -1.28 0.64 5.04
CA VAL A 107 -1.63 2.06 4.91
C VAL A 107 -1.74 2.38 3.43
N ASP A 108 -0.70 2.02 2.72
CA ASP A 108 -0.64 2.22 1.27
C ASP A 108 -1.93 1.74 0.60
N HIS A 109 -2.38 0.58 1.00
CA HIS A 109 -3.55 -0.03 0.36
C HIS A 109 -4.84 0.64 0.70
N ASP A 110 -4.88 1.28 1.85
CA ASP A 110 -6.01 2.15 2.22
C ASP A 110 -6.12 3.39 1.34
N LEU A 111 -5.00 3.86 0.82
CA LEU A 111 -4.93 5.19 0.19
C LEU A 111 -5.03 5.21 -1.31
N ASP A 112 -4.35 4.29 -1.96
CA ASP A 112 -4.28 4.27 -3.43
C ASP A 112 -4.26 2.88 -4.07
N PHE A 113 -4.93 2.82 -5.21
CA PHE A 113 -4.91 1.67 -6.14
C PHE A 113 -5.25 2.16 -7.54
N ALA A 114 -4.27 2.05 -8.42
CA ALA A 114 -4.47 2.36 -9.81
C ALA A 114 -4.43 1.04 -10.57
N PRO A 115 -5.56 0.33 -10.64
CA PRO A 115 -5.54 -0.97 -11.29
C PRO A 115 -5.32 -0.89 -12.81
N GLU A 116 -4.65 -1.91 -13.32
CA GLU A 116 -4.54 -2.14 -14.77
C GLU A 116 -5.89 -2.05 -15.45
N THR A 117 -5.89 -1.50 -16.65
CA THR A 117 -7.09 -1.44 -17.49
C THR A 117 -7.64 -2.85 -17.73
N GLU A 118 -8.96 -2.94 -17.73
CA GLU A 118 -9.68 -4.16 -18.17
C GLU A 118 -9.62 -4.30 -19.70
N LEU A 119 -9.95 -3.19 -20.36
CA LEU A 119 -10.14 -3.08 -21.85
C LEU A 119 -10.77 -4.27 -22.57
N GLY A 120 -11.38 -5.16 -21.80
CA GLY A 120 -11.91 -6.44 -22.31
C GLY A 120 -11.37 -7.63 -21.53
N SER A 121 -12.27 -8.28 -20.81
CA SER A 121 -12.00 -9.57 -20.14
C SER A 121 -11.78 -10.67 -21.21
N SER A 122 -12.49 -10.51 -22.32
CA SER A 122 -12.24 -11.29 -23.56
C SER A 122 -11.09 -10.61 -24.32
N GLU A 123 -9.96 -11.30 -24.39
CA GLU A 123 -8.71 -10.68 -24.84
C GLU A 123 -7.69 -11.74 -25.31
N HIS A 124 -7.59 -11.86 -26.62
CA HIS A 124 -6.49 -12.62 -27.27
C HIS A 124 -5.30 -11.69 -27.35
N SER A 125 -5.59 -10.40 -27.24
CA SER A 125 -4.57 -9.35 -27.11
C SER A 125 -3.86 -9.41 -25.75
N LYS A 126 -4.54 -9.99 -24.76
CA LYS A 126 -3.93 -10.33 -23.46
C LYS A 126 -2.87 -11.41 -23.68
N VAL A 127 -3.25 -12.39 -24.47
CA VAL A 127 -2.34 -13.44 -24.94
C VAL A 127 -1.27 -12.86 -25.88
N GLN A 128 -1.62 -11.84 -26.63
CA GLN A 128 -0.66 -11.16 -27.50
C GLN A 128 0.41 -10.36 -26.74
N CYS A 129 0.09 -9.99 -25.51
CA CYS A 129 1.09 -9.31 -24.66
C CYS A 129 2.06 -10.32 -24.06
N GLU A 130 1.52 -11.35 -23.43
CA GLU A 130 2.36 -12.33 -22.72
C GLU A 130 3.26 -13.12 -23.68
N GLU A 131 2.67 -13.64 -24.73
CA GLU A 131 3.36 -14.57 -25.64
C GLU A 131 4.29 -13.90 -26.63
N TYR A 132 3.73 -12.98 -27.39
CA TYR A 132 4.44 -12.39 -28.53
C TYR A 132 5.20 -11.11 -28.20
N CYS A 133 4.96 -10.59 -27.00
CA CYS A 133 5.67 -9.39 -26.48
C CYS A 133 5.60 -8.16 -27.40
N VAL A 134 4.45 -7.99 -28.05
CA VAL A 134 4.29 -6.88 -29.02
C VAL A 134 3.57 -5.70 -28.36
N GLN A 135 4.20 -4.56 -28.47
CA GLN A 135 3.74 -3.32 -27.84
C GLN A 135 2.55 -2.72 -28.63
N GLY A 136 1.47 -2.47 -27.93
CA GLY A 136 0.29 -1.93 -28.57
C GLY A 136 -0.83 -1.63 -27.63
N ASP A 137 -1.41 -0.46 -27.85
CA ASP A 137 -2.54 0.01 -27.06
C ASP A 137 -2.16 0.04 -25.57
N GLU A 138 -2.66 -0.91 -24.82
CA GLU A 138 -2.47 -0.93 -23.36
C GLU A 138 -1.45 -1.97 -22.93
N CYS A 139 -0.97 -2.74 -23.91
CA CYS A 139 0.13 -3.68 -23.70
C CYS A 139 1.44 -2.92 -23.92
N PHE A 140 2.20 -2.83 -22.84
CA PHE A 140 3.40 -2.01 -22.77
C PHE A 140 4.43 -2.92 -22.09
N PRO A 141 4.90 -3.96 -22.81
CA PRO A 141 5.68 -5.01 -22.19
C PRO A 141 7.07 -4.54 -21.80
N ILE A 142 7.59 -5.18 -20.76
CA ILE A 142 8.90 -4.85 -20.24
C ILE A 142 9.87 -5.77 -20.95
N MET A 143 10.60 -5.19 -21.89
CA MET A 143 11.54 -5.94 -22.69
C MET A 143 12.79 -6.18 -21.86
N PHE A 144 13.31 -7.38 -21.96
CA PHE A 144 14.59 -7.72 -21.33
C PHE A 144 15.75 -7.15 -22.13
N PRO A 145 16.70 -6.47 -21.47
CA PRO A 145 17.87 -6.05 -22.21
C PRO A 145 18.72 -7.23 -22.59
N LYS A 146 19.68 -6.99 -23.46
CA LYS A 146 20.70 -8.00 -23.80
C LYS A 146 21.52 -8.31 -22.54
N ASN A 147 21.83 -9.58 -22.35
CA ASN A 147 22.61 -10.08 -21.16
C ASN A 147 21.75 -10.50 -19.98
N ASP A 148 20.44 -10.42 -20.14
CA ASP A 148 19.48 -10.72 -19.07
C ASP A 148 19.19 -12.22 -19.04
N PRO A 149 19.39 -12.88 -17.89
CA PRO A 149 19.17 -14.31 -17.77
C PRO A 149 17.74 -14.77 -18.04
N LYS A 150 16.78 -13.92 -17.69
CA LYS A 150 15.38 -14.20 -17.99
C LYS A 150 15.15 -14.33 -19.50
N LEU A 151 16.04 -13.72 -20.26
CA LEU A 151 16.06 -13.89 -21.70
C LEU A 151 16.27 -15.37 -22.04
N LYS A 152 17.24 -15.98 -21.40
CA LYS A 152 17.54 -17.41 -21.63
C LYS A 152 16.44 -18.36 -21.18
N THR A 153 15.48 -17.83 -20.45
CA THR A 153 14.50 -18.67 -19.75
C THR A 153 13.03 -18.28 -19.89
N GLN A 154 12.76 -17.02 -20.20
CA GLN A 154 11.40 -16.45 -20.07
C GLN A 154 10.89 -15.75 -21.33
N GLY A 155 11.60 -15.92 -22.43
CA GLY A 155 11.27 -15.21 -23.66
C GLY A 155 11.94 -13.84 -23.71
N LYS A 156 11.30 -12.93 -24.44
CA LYS A 156 11.86 -11.60 -24.71
C LYS A 156 11.44 -10.53 -23.71
N CYS A 157 10.33 -10.76 -23.04
CA CYS A 157 9.76 -9.72 -22.18
C CYS A 157 9.00 -10.21 -20.97
N MET A 158 8.57 -9.26 -20.18
CA MET A 158 7.60 -9.46 -19.11
C MET A 158 6.36 -8.68 -19.52
N PRO A 159 5.19 -9.32 -19.52
CA PRO A 159 4.03 -8.55 -19.93
C PRO A 159 3.71 -7.47 -18.91
N PHE A 160 2.97 -6.47 -19.34
CA PHE A 160 2.67 -5.29 -18.53
C PHE A 160 1.58 -4.54 -19.27
N PHE A 161 0.52 -4.24 -18.55
CA PHE A 161 -0.69 -3.61 -19.09
C PHE A 161 -0.93 -2.29 -18.41
N ARG A 162 -1.27 -1.29 -19.21
CA ARG A 162 -1.26 0.09 -18.74
C ARG A 162 -2.36 0.30 -17.73
N ALA A 163 -2.09 1.20 -16.81
CA ALA A 163 -3.06 1.52 -15.74
C ALA A 163 -4.30 2.17 -16.35
N GLY A 164 -5.43 1.99 -15.67
CA GLY A 164 -6.66 2.70 -16.08
C GLY A 164 -6.52 4.22 -15.96
N PHE A 165 -7.37 4.91 -16.70
CA PHE A 165 -7.41 6.38 -16.76
C PHE A 165 -8.87 6.83 -16.83
N VAL A 166 -9.13 8.02 -16.35
CA VAL A 166 -10.48 8.56 -16.22
C VAL A 166 -11.08 9.02 -17.55
N CYS A 167 -12.38 9.25 -17.52
CA CYS A 167 -13.23 9.66 -18.68
C CYS A 167 -13.74 8.41 -19.46
N PRO A 168 -13.07 7.99 -20.54
CA PRO A 168 -13.37 6.67 -21.02
C PRO A 168 -12.28 5.66 -20.70
N THR A 169 -12.64 4.40 -20.81
CA THR A 169 -11.69 3.27 -20.85
C THR A 169 -11.04 3.11 -22.25
N PRO A 170 -11.84 3.16 -23.34
CA PRO A 170 -11.25 3.33 -24.68
C PRO A 170 -10.57 4.71 -24.83
N PRO A 171 -10.00 5.02 -26.00
CA PRO A 171 -9.14 6.21 -26.13
C PRO A 171 -9.67 7.55 -25.60
N TYR A 172 -8.72 8.39 -25.18
CA TYR A 172 -8.97 9.79 -24.80
C TYR A 172 -7.86 10.70 -25.35
N GLN A 173 -8.25 11.81 -25.98
CA GLN A 173 -7.30 12.66 -26.76
C GLN A 173 -7.45 14.20 -26.62
N SER A 174 -7.80 14.64 -25.41
CA SER A 174 -7.90 16.10 -25.08
C SER A 174 -6.94 16.55 -23.95
N LEU A 175 -7.35 16.37 -22.69
CA LEU A 175 -6.47 16.62 -21.53
C LEU A 175 -5.51 15.43 -21.38
N ALA A 176 -4.42 15.66 -20.69
CA ALA A 176 -3.41 14.62 -20.47
C ALA A 176 -3.98 13.54 -19.58
N ARG A 177 -3.63 12.32 -19.93
CA ARG A 177 -4.06 11.09 -19.27
C ARG A 177 -3.85 11.09 -17.74
N ASP A 178 -4.97 11.03 -17.04
CA ASP A 178 -4.99 10.79 -15.59
C ASP A 178 -5.47 9.40 -15.19
N GLN A 179 -4.60 8.71 -14.47
CA GLN A 179 -4.89 7.36 -13.96
C GLN A 179 -5.83 7.47 -12.79
N ILE A 180 -6.56 6.39 -12.57
CA ILE A 180 -7.61 6.34 -11.55
C ILE A 180 -7.05 5.85 -10.22
N ASN A 181 -7.62 6.38 -9.15
CA ASN A 181 -7.48 5.87 -7.78
C ASN A 181 -8.80 5.20 -7.37
N ALA A 182 -8.81 3.87 -7.41
CA ALA A 182 -10.01 3.04 -7.17
C ALA A 182 -10.40 2.91 -5.68
N VAL A 183 -9.57 3.45 -4.80
CA VAL A 183 -9.89 3.45 -3.36
C VAL A 183 -9.97 4.88 -2.86
N THR A 184 -10.56 5.02 -1.70
CA THR A 184 -10.74 6.35 -1.11
C THR A 184 -9.38 6.92 -0.64
N SER A 185 -9.12 8.18 -0.98
CA SER A 185 -7.90 8.87 -0.51
C SER A 185 -7.76 8.99 1.01
N PHE A 186 -8.89 9.02 1.72
CA PHE A 186 -8.87 9.21 3.19
C PHE A 186 -8.37 7.95 3.90
N LEU A 187 -7.62 8.15 4.97
CA LEU A 187 -7.15 7.04 5.84
C LEU A 187 -8.29 6.58 6.74
N ASP A 188 -9.06 5.65 6.21
CA ASP A 188 -10.38 5.30 6.74
C ASP A 188 -10.69 3.83 6.67
N ALA A 189 -9.66 3.00 6.72
CA ALA A 189 -9.86 1.53 6.74
C ALA A 189 -10.65 0.96 5.54
N SER A 190 -10.71 1.70 4.44
CA SER A 190 -11.35 1.20 3.20
C SER A 190 -10.75 -0.10 2.72
N LEU A 191 -9.55 -0.40 3.18
CA LEU A 191 -8.91 -1.69 2.85
C LEU A 191 -9.62 -2.83 3.55
N VAL A 192 -10.30 -2.51 4.65
CA VAL A 192 -11.08 -3.46 5.41
C VAL A 192 -12.52 -3.52 4.94
N TYR A 193 -13.07 -2.36 4.61
CA TYR A 193 -14.52 -2.25 4.32
C TYR A 193 -14.91 -2.23 2.86
N GLY A 194 -14.02 -1.75 2.02
CA GLY A 194 -14.32 -1.58 0.59
C GLY A 194 -14.29 -0.11 0.25
N SER A 195 -14.28 0.19 -1.04
CA SER A 195 -14.44 1.57 -1.54
C SER A 195 -15.65 1.70 -2.50
N GLU A 196 -16.38 0.61 -2.61
CA GLU A 196 -17.64 0.56 -3.35
C GLU A 196 -18.73 -0.03 -2.53
N PRO A 197 -19.97 0.37 -2.80
CA PRO A 197 -21.11 -0.17 -2.10
C PRO A 197 -21.36 -1.67 -2.26
N LEU A 199 -19.22 -4.18 -2.59
CA LEU A 199 -18.26 -5.03 -1.98
C LEU A 199 -18.42 -4.77 -0.49
N ALA A 200 -18.51 -3.50 -0.14
CA ALA A 200 -18.82 -3.06 1.23
C ALA A 200 -19.92 -3.94 1.82
N SER A 201 -20.92 -4.24 0.98
CA SER A 201 -22.10 -5.07 1.37
C SER A 201 -21.85 -6.58 1.30
N ARG A 202 -21.18 -7.04 0.26
CA ARG A 202 -20.81 -8.44 0.16
C ARG A 202 -19.96 -8.84 1.34
N LEU A 203 -19.14 -7.89 1.78
CA LEU A 203 -18.19 -8.12 2.87
C LEU A 203 -18.90 -8.22 4.19
N ARG A 204 -20.00 -7.49 4.30
CA ARG A 204 -20.74 -7.44 5.57
C ARG A 204 -21.48 -8.73 5.85
N ASN A 205 -21.80 -8.93 7.12
CA ASN A 205 -22.66 -10.00 7.54
C ASN A 205 -24.07 -9.44 7.61
N LEU A 206 -24.85 -9.70 6.57
CA LEU A 206 -26.26 -9.31 6.47
C LEU A 206 -27.19 -10.46 6.86
N SER A 207 -26.67 -11.35 7.68
CA SER A 207 -27.42 -12.54 8.10
C SER A 207 -27.93 -12.44 9.54
N SER A 208 -27.49 -11.39 10.20
CA SER A 208 -27.93 -11.07 11.58
C SER A 208 -27.80 -9.57 11.87
N PRO A 209 -28.55 -9.05 12.86
CA PRO A 209 -28.52 -7.62 13.18
C PRO A 209 -27.32 -7.18 14.03
N LEU A 210 -26.20 -7.85 13.84
CA LEU A 210 -25.07 -7.76 14.77
C LEU A 210 -23.98 -6.74 14.36
N GLY A 211 -24.01 -6.31 13.12
CA GLY A 211 -23.00 -5.35 12.59
C GLY A 211 -21.65 -6.01 12.36
N LEU A 212 -21.69 -7.28 12.04
CA LEU A 212 -20.48 -8.06 11.87
C LEU A 212 -20.05 -7.95 10.41
N MET A 213 -18.75 -7.98 10.23
CA MET A 213 -18.19 -8.24 8.91
C MET A 213 -18.28 -9.75 8.75
N ALA A 214 -18.64 -10.17 7.56
CA ALA A 214 -18.75 -11.60 7.20
C ALA A 214 -17.41 -12.31 7.48
N VAL A 215 -17.46 -13.55 7.96
CA VAL A 215 -16.22 -14.34 8.20
C VAL A 215 -16.23 -15.67 7.46
N ASN A 216 -15.07 -16.28 7.38
CA ASN A 216 -14.89 -17.54 6.66
C ASN A 216 -15.64 -18.64 7.41
N GLN A 217 -16.42 -19.41 6.67
CA GLN A 217 -17.23 -20.51 7.22
C GLN A 217 -16.58 -21.86 7.03
N GLU A 218 -15.67 -21.92 6.07
CA GLU A 218 -14.90 -23.13 5.78
C GLU A 218 -13.86 -23.38 6.88
N ALA A 219 -13.17 -22.32 7.28
CA ALA A 219 -11.99 -22.47 8.16
C ALA A 219 -11.93 -21.52 9.33
N TRP A 220 -11.22 -21.97 10.35
CA TRP A 220 -11.07 -21.22 11.63
C TRP A 220 -9.66 -21.30 12.15
N ASP A 221 -9.29 -20.34 12.96
CA ASP A 221 -7.90 -20.21 13.46
C ASP A 221 -7.84 -20.42 14.98
N HIS A 222 -7.92 -21.66 15.41
CA HIS A 222 -8.07 -21.95 16.85
C HIS A 222 -9.20 -21.15 17.41
N GLY A 223 -10.36 -21.19 16.76
CA GLY A 223 -11.50 -20.39 17.24
C GLY A 223 -11.55 -18.92 16.81
N LEU A 224 -10.51 -18.44 16.14
CA LEU A 224 -10.51 -17.05 15.66
C LEU A 224 -10.79 -16.98 14.15
N ALA A 225 -11.34 -15.84 13.76
CA ALA A 225 -11.97 -15.67 12.44
C ALA A 225 -10.95 -15.47 11.35
N TYR A 226 -11.31 -15.98 10.19
CA TYR A 226 -10.61 -15.68 8.96
C TYR A 226 -11.54 -14.84 8.09
N PRO A 227 -10.98 -14.06 7.15
CA PRO A 227 -11.85 -13.44 6.16
C PRO A 227 -12.48 -14.47 5.24
N PRO A 228 -13.60 -14.12 4.59
CA PRO A 228 -14.19 -15.04 3.63
C PRO A 228 -13.28 -15.26 2.46
N PHE A 229 -13.43 -16.39 1.80
CA PHE A 229 -12.71 -16.66 0.56
C PHE A 229 -13.34 -15.85 -0.56
N ASN A 230 -12.50 -15.43 -1.48
CA ASN A 230 -12.97 -14.90 -2.76
C ASN A 230 -13.24 -16.09 -3.68
N ASN A 231 -14.52 -16.36 -3.93
CA ASN A 231 -14.92 -17.53 -4.73
C ASN A 231 -14.85 -17.36 -6.25
N VAL A 232 -14.45 -16.18 -6.72
CA VAL A 232 -14.26 -15.99 -8.18
C VAL A 232 -13.04 -16.78 -8.65
N LYS A 233 -13.25 -17.57 -9.69
CA LYS A 233 -12.17 -18.34 -10.32
C LYS A 233 -11.88 -17.75 -11.69
N PRO A 234 -10.58 -17.64 -12.08
CA PRO A 234 -9.40 -18.22 -11.46
C PRO A 234 -8.89 -17.46 -10.23
N SER A 235 -8.61 -18.23 -9.20
CA SER A 235 -8.03 -17.72 -7.94
C SER A 235 -6.54 -17.99 -7.94
N PRO A 236 -5.72 -16.94 -7.90
CA PRO A 236 -4.28 -17.16 -7.98
C PRO A 236 -3.67 -17.83 -6.73
N CYS A 237 -4.39 -17.78 -5.63
CA CYS A 237 -4.02 -18.51 -4.42
C CYS A 237 -4.26 -19.99 -4.62
N GLU A 238 -5.24 -20.30 -5.46
CA GLU A 238 -5.46 -21.67 -5.91
C GLU A 238 -4.35 -22.08 -6.89
N PHE A 239 -4.05 -21.19 -7.80
CA PHE A 239 -3.03 -21.48 -8.83
C PHE A 239 -1.62 -21.77 -8.25
N ILE A 240 -1.24 -21.06 -7.19
CA ILE A 240 0.12 -21.25 -6.61
C ILE A 240 0.25 -22.61 -5.92
N ASN A 241 -0.95 -23.48 -5.55
CA ASN A 241 -0.98 -24.86 -5.04
C ASN A 241 -2.24 -25.56 -5.55
N THR A 242 -2.14 -26.23 -6.56
CA THR A 242 -3.29 -27.05 -7.05
C THR A 242 -3.89 -27.98 -6.00
N THR A 243 -3.03 -28.55 -5.16
CA THR A 243 -3.49 -29.54 -4.16
C THR A 243 -4.23 -28.90 -3.01
N ALA A 244 -3.65 -27.83 -2.49
CA ALA A 244 -4.19 -27.17 -1.29
C ALA A 244 -5.60 -26.69 -1.53
N HIS A 245 -5.83 -26.20 -2.73
CA HIS A 245 -7.15 -25.63 -3.14
C HIS A 245 -7.64 -24.57 -2.20
N VAL A 246 -6.74 -23.73 -1.72
CA VAL A 246 -7.14 -22.63 -0.82
C VAL A 246 -7.23 -21.33 -1.61
N PRO A 247 -8.41 -20.69 -1.65
CA PRO A 247 -8.54 -19.48 -2.43
C PRO A 247 -8.02 -18.24 -1.73
N CYS A 248 -7.95 -17.18 -2.51
CA CYS A 248 -7.56 -15.88 -1.94
C CYS A 248 -8.64 -15.44 -0.99
N PHE A 249 -8.31 -14.42 -0.22
CA PHE A 249 -9.24 -13.87 0.72
C PHE A 249 -10.00 -12.76 0.06
N GLN A 250 -11.09 -12.42 0.70
CA GLN A 250 -12.06 -11.43 0.22
C GLN A 250 -12.15 -10.32 1.25
N ALA A 251 -11.63 -9.17 0.90
CA ALA A 251 -11.49 -8.05 1.83
C ALA A 251 -11.88 -6.78 1.10
N GLY A 252 -11.77 -5.66 1.79
CA GLY A 252 -12.16 -4.36 1.23
C GLY A 252 -11.25 -3.96 0.08
N ASP A 253 -10.04 -4.47 0.15
CA ASP A 253 -9.03 -4.22 -0.88
C ASP A 253 -8.61 -5.50 -1.57
N SER A 254 -8.75 -5.53 -2.89
CA SER A 254 -8.51 -6.73 -3.72
C SER A 254 -7.10 -7.38 -3.69
N ARG A 255 -6.17 -6.67 -3.11
CA ARG A 255 -4.77 -7.13 -3.08
C ARG A 255 -4.42 -7.84 -1.78
N ALA A 256 -5.40 -8.00 -0.91
CA ALA A 256 -5.17 -8.49 0.48
C ALA A 256 -4.30 -9.73 0.56
N SER A 257 -4.51 -10.64 -0.37
CA SER A 257 -3.80 -11.94 -0.35
C SER A 257 -2.50 -11.90 -1.10
N GLU A 258 -2.12 -10.71 -1.49
CA GLU A 258 -0.90 -10.56 -2.29
C GLU A 258 0.34 -11.20 -1.65
N GLN A 259 0.48 -11.00 -0.36
CA GLN A 259 1.42 -11.80 0.40
C GLN A 259 0.86 -12.10 1.81
N ILE A 260 1.35 -13.19 2.35
CA ILE A 260 0.80 -13.86 3.53
C ILE A 260 0.73 -12.96 4.76
N LEU A 261 1.68 -12.06 4.88
CA LEU A 261 1.70 -11.14 6.02
C LEU A 261 0.73 -9.96 5.83
N LEU A 262 0.48 -9.59 4.59
CA LEU A 262 -0.58 -8.60 4.27
C LEU A 262 -1.94 -9.21 4.59
N ALA A 263 -2.12 -10.46 4.20
CA ALA A 263 -3.36 -11.21 4.55
C ALA A 263 -3.51 -11.28 6.06
N THR A 264 -2.37 -11.48 6.72
CA THR A 264 -2.31 -11.60 8.18
C THR A 264 -2.84 -10.35 8.89
N VAL A 265 -2.37 -9.20 8.47
CA VAL A 265 -2.77 -7.94 9.10
C VAL A 265 -4.20 -7.60 8.71
N HIS A 266 -4.58 -7.98 7.51
CA HIS A 266 -6.01 -7.90 7.10
C HIS A 266 -6.86 -8.68 8.06
N THR A 267 -6.41 -9.86 8.39
CA THR A 267 -7.18 -10.75 9.25
C THR A 267 -7.32 -10.18 10.66
N LEU A 268 -6.22 -9.64 11.17
CA LEU A 268 -6.23 -8.90 12.45
C LEU A 268 -7.26 -7.77 12.49
N LEU A 269 -7.35 -7.03 11.40
CA LEU A 269 -8.26 -5.87 11.29
C LEU A 269 -9.71 -6.32 11.22
N LEU A 270 -9.98 -7.33 10.43
CA LEU A 270 -11.34 -7.86 10.33
C LEU A 270 -11.78 -8.24 11.76
N ARG A 271 -10.96 -9.05 12.38
CA ARG A 271 -11.19 -9.52 13.76
C ARG A 271 -11.48 -8.34 14.66
N GLU A 272 -10.65 -7.33 14.59
CA GLU A 272 -10.85 -6.19 15.46
C GLU A 272 -12.23 -5.63 15.24
N HIS A 273 -12.66 -5.61 13.99
CA HIS A 273 -13.95 -5.00 13.69
C HIS A 273 -15.01 -5.73 14.46
N ASN A 274 -15.14 -7.01 14.14
CA ASN A 274 -16.11 -7.88 14.78
C ASN A 274 -16.01 -7.79 16.29
N ARG A 275 -14.78 -7.78 16.79
CA ARG A 275 -14.56 -7.65 18.24
C ARG A 275 -15.21 -6.37 18.74
N LEU A 276 -15.00 -5.29 18.03
CA LEU A 276 -15.55 -4.01 18.45
C LEU A 276 -17.08 -4.05 18.38
N ALA A 277 -17.60 -4.56 17.29
CA ALA A 277 -19.05 -4.74 17.10
C ALA A 277 -19.70 -5.40 18.32
N ARG A 278 -19.07 -6.47 18.78
CA ARG A 278 -19.61 -7.26 19.90
C ARG A 278 -19.62 -6.52 21.24
N GLU A 279 -18.59 -5.75 21.50
CA GLU A 279 -18.55 -4.94 22.73
C GLU A 279 -19.60 -3.84 22.70
N LEU A 280 -19.78 -3.27 21.52
CA LEU A 280 -20.81 -2.23 21.30
C LEU A 280 -22.20 -2.81 21.53
N LYS A 281 -22.37 -4.09 21.24
CA LYS A 281 -23.66 -4.75 21.48
C LYS A 281 -23.87 -5.00 22.98
N ARG A 282 -22.85 -5.52 23.63
CA ARG A 282 -22.88 -5.61 25.10
C ARG A 282 -23.22 -4.23 25.69
N LEU A 283 -22.39 -3.26 25.36
CA LEU A 283 -22.55 -1.88 25.88
C LEU A 283 -23.83 -1.18 25.40
N ASN A 284 -24.27 -1.54 24.20
CA ASN A 284 -25.48 -0.94 23.58
C ASN A 284 -26.33 -2.01 22.87
N PRO A 285 -27.18 -2.74 23.62
CA PRO A 285 -28.05 -3.81 23.10
C PRO A 285 -29.19 -3.33 22.23
N HIS A 286 -29.49 -2.05 22.35
CA HIS A 286 -30.60 -1.41 21.63
C HIS A 286 -30.28 -1.07 20.18
N TRP A 287 -29.02 -1.20 19.79
CA TRP A 287 -28.53 -0.71 18.49
C TRP A 287 -28.73 -1.68 17.37
N ASP A 288 -29.17 -1.15 16.24
CA ASP A 288 -29.30 -1.91 14.99
C ASP A 288 -27.92 -2.22 14.42
N GLY A 289 -27.85 -3.26 13.59
CA GLY A 289 -26.59 -3.70 12.97
C GLY A 289 -25.85 -2.53 12.37
N GLU A 290 -26.56 -1.81 11.53
CA GLU A 290 -26.06 -0.62 10.83
C GLU A 290 -25.23 0.28 11.75
N MET A 291 -25.77 0.59 12.91
CA MET A 291 -25.09 1.50 13.84
C MET A 291 -23.90 0.82 14.54
N LEU A 292 -23.98 -0.50 14.66
CA LEU A 292 -22.89 -1.32 15.23
C LEU A 292 -21.72 -1.30 14.23
N TYR A 293 -22.01 -1.75 13.02
CA TYR A 293 -21.09 -1.66 11.87
C TYR A 293 -20.34 -0.32 11.80
N GLN A 294 -21.10 0.74 11.65
CA GLN A 294 -20.56 2.08 11.48
C GLN A 294 -19.67 2.52 12.66
N GLU A 295 -20.15 2.32 13.87
CA GLU A 295 -19.43 2.83 15.05
C GLU A 295 -18.15 2.02 15.25
N ALA A 296 -18.23 0.74 14.92
CA ALA A 296 -17.06 -0.14 14.92
C ALA A 296 -16.07 0.31 13.83
N ARG A 297 -16.61 0.41 12.62
CA ARG A 297 -15.93 0.96 11.42
C ARG A 297 -15.18 2.24 11.74
N LYS A 298 -15.83 3.09 12.50
CA LYS A 298 -15.28 4.41 12.83
C LYS A 298 -14.15 4.27 13.88
N ILE A 299 -14.34 3.41 14.86
CA ILE A 299 -13.28 3.19 15.83
C ILE A 299 -12.07 2.65 15.04
N LEU A 300 -12.33 1.63 14.26
CA LEU A 300 -11.30 1.03 13.43
C LEU A 300 -10.60 2.09 12.55
N GLY A 301 -11.42 2.89 11.90
CA GLY A 301 -10.94 4.03 11.10
C GLY A 301 -9.90 4.84 11.87
N ALA A 302 -10.24 5.25 13.07
CA ALA A 302 -9.37 6.07 13.96
C ALA A 302 -8.15 5.32 14.45
N PHE A 303 -8.31 4.04 14.69
CA PHE A 303 -7.17 3.22 15.13
C PHE A 303 -6.05 3.30 14.09
N ILE A 304 -6.43 3.01 12.85
CA ILE A 304 -5.52 3.00 11.70
C ILE A 304 -4.83 4.38 11.58
N GLN A 305 -5.59 5.42 11.86
CA GLN A 305 -5.09 6.81 11.76
C GLN A 305 -4.06 7.11 12.85
N ILE A 306 -4.36 6.71 14.07
CA ILE A 306 -3.44 6.92 15.21
C ILE A 306 -2.13 6.14 15.03
N ILE A 307 -2.24 4.85 14.81
CA ILE A 307 -1.05 4.01 14.64
C ILE A 307 -0.20 4.60 13.51
N THR A 308 -0.88 4.91 12.42
CA THR A 308 -0.19 5.48 11.27
C THR A 308 0.50 6.78 11.63
N PHE A 309 -0.29 7.70 12.13
CA PHE A 309 0.17 9.08 12.36
C PHE A 309 1.02 9.27 13.63
N ARG A 310 0.78 8.47 14.65
CA ARG A 310 1.52 8.61 15.94
C ARG A 310 2.77 7.73 15.99
N ASP A 311 2.60 6.50 15.52
CA ASP A 311 3.68 5.51 15.57
C ASP A 311 4.43 5.29 14.25
N TYR A 312 3.72 5.30 13.13
CA TYR A 312 4.35 4.89 11.85
C TYR A 312 5.10 6.04 11.18
N LEU A 313 4.37 7.10 10.92
CA LEU A 313 4.90 8.24 10.15
C LEU A 313 6.13 8.87 10.82
N PRO A 314 6.15 9.00 12.16
CA PRO A 314 7.34 9.61 12.78
C PRO A 314 8.62 8.84 12.57
N ILE A 315 8.53 7.53 12.39
CA ILE A 315 9.73 6.70 12.14
C ILE A 315 10.03 6.48 10.65
N VAL A 316 9.15 6.94 9.78
CA VAL A 316 9.47 7.03 8.35
C VAL A 316 10.15 8.39 8.11
N LEU A 317 9.47 9.44 8.53
CA LEU A 317 9.83 10.81 8.12
C LEU A 317 10.87 11.42 9.02
N GLY A 318 10.95 10.91 10.23
CA GLY A 318 12.01 11.29 11.16
C GLY A 318 12.05 12.79 11.36
N SER A 319 13.25 13.36 11.31
CA SER A 319 13.51 14.81 11.49
C SER A 319 12.74 15.73 10.56
N GLU A 320 11.95 15.14 9.68
CA GLU A 320 11.13 15.87 8.73
C GLU A 320 9.66 15.81 9.11
N MET A 321 9.32 14.86 9.96
CA MET A 321 7.94 14.68 10.43
C MET A 321 7.33 16.04 10.78
N GLN A 322 8.09 16.80 11.58
CA GLN A 322 7.67 18.09 12.15
C GLN A 322 7.54 19.16 11.07
N LYS A 323 8.45 19.11 10.12
CA LYS A 323 8.48 20.09 9.01
C LYS A 323 7.32 19.93 7.99
N TRP A 324 6.65 18.79 8.03
CA TRP A 324 5.57 18.44 7.06
C TRP A 324 4.25 18.08 7.67
N ILE A 325 4.32 17.40 8.79
CA ILE A 325 3.13 17.07 9.57
C ILE A 325 3.33 17.67 10.94
N PRO A 326 3.07 18.97 11.10
CA PRO A 326 3.06 19.51 12.45
C PRO A 326 1.78 19.11 13.16
N PRO A 327 1.66 19.43 14.45
CA PRO A 327 0.47 19.21 15.24
C PRO A 327 -0.84 19.61 14.56
N TYR A 328 -1.80 18.71 14.67
CA TYR A 328 -3.15 18.92 14.12
C TYR A 328 -3.82 20.20 14.66
N GLN A 329 -4.40 20.96 13.76
CA GLN A 329 -5.07 22.24 14.08
C GLN A 329 -6.51 22.25 13.56
N GLY A 330 -7.08 21.06 13.48
CA GLY A 330 -8.44 20.87 12.96
C GLY A 330 -8.53 20.74 11.46
N TYR A 331 -9.70 20.28 11.05
CA TYR A 331 -10.07 20.12 9.68
C TYR A 331 -10.08 21.47 9.04
N ASN A 332 -9.65 21.45 7.80
CA ASN A 332 -9.62 22.59 6.90
C ASN A 332 -10.18 22.20 5.54
N ASN A 333 -11.31 22.70 5.17
CA ASN A 333 -12.08 22.30 3.98
C ASN A 333 -11.49 22.80 2.66
N SER A 334 -10.35 23.49 2.75
CA SER A 334 -9.60 23.99 1.57
C SER A 334 -8.39 23.11 1.19
N VAL A 335 -7.96 22.28 2.13
CA VAL A 335 -6.87 21.34 1.85
C VAL A 335 -7.39 20.29 0.90
N ASP A 336 -6.63 20.04 -0.16
CA ASP A 336 -6.94 18.96 -1.10
C ASP A 336 -6.57 17.61 -0.46
N PRO A 337 -7.55 16.73 -0.23
CA PRO A 337 -7.26 15.45 0.38
C PRO A 337 -6.97 14.29 -0.59
N ARG A 338 -6.87 14.56 -1.88
CA ARG A 338 -6.68 13.46 -2.84
C ARG A 338 -5.24 12.96 -2.81
N ILE A 339 -5.10 11.67 -3.05
CA ILE A 339 -3.80 11.07 -3.22
C ILE A 339 -3.31 11.60 -4.57
N SER A 340 -2.05 11.96 -4.63
CA SER A 340 -1.45 12.43 -5.86
C SER A 340 -0.93 11.22 -6.62
N ASN A 341 -0.79 11.40 -7.92
CA ASN A 341 -0.20 10.33 -8.71
C ASN A 341 1.24 10.02 -8.21
N VAL A 342 1.99 11.06 -7.90
CA VAL A 342 3.40 10.84 -7.47
C VAL A 342 3.50 10.09 -6.14
N PHE A 343 2.66 10.42 -5.17
CA PHE A 343 2.60 9.70 -3.89
C PHE A 343 2.59 8.18 -4.09
N THR A 344 1.67 7.73 -4.94
CA THR A 344 1.53 6.28 -5.27
C THR A 344 2.87 5.65 -5.71
N PHE A 345 3.81 6.46 -6.16
CA PHE A 345 5.16 5.97 -6.44
C PHE A 345 6.10 6.20 -5.24
N ALA A 346 5.98 7.36 -4.62
CA ALA A 346 6.78 7.71 -3.43
C ALA A 346 6.62 6.66 -2.35
N PHE A 347 5.39 6.24 -2.15
CA PHE A 347 5.08 5.31 -1.05
C PHE A 347 5.55 3.88 -1.38
N ARG A 348 6.08 3.70 -2.58
CA ARG A 348 6.68 2.41 -2.98
C ARG A 348 8.10 2.26 -2.47
N PHE A 349 8.57 3.24 -1.71
CA PHE A 349 9.84 3.10 -0.98
C PHE A 349 9.80 1.81 -0.15
N GLY A 350 8.60 1.40 0.19
CA GLY A 350 8.41 0.21 1.00
C GLY A 350 8.88 -1.09 0.38
N HIS A 351 8.91 -1.11 -0.95
CA HIS A 351 9.46 -2.28 -1.70
C HIS A 351 10.88 -2.65 -1.30
N MET A 352 11.59 -1.69 -0.77
CA MET A 352 13.00 -1.90 -0.41
C MET A 352 13.21 -2.27 1.06
N GLU A 353 12.10 -2.36 1.77
CA GLU A 353 12.08 -2.73 3.19
C GLU A 353 11.60 -4.15 3.43
N VAL A 354 11.30 -4.83 2.33
CA VAL A 354 10.77 -6.20 2.36
C VAL A 354 11.93 -7.18 2.35
N PRO A 355 12.08 -8.00 3.41
CA PRO A 355 13.16 -8.94 3.48
C PRO A 355 12.86 -10.17 2.66
N SER A 356 13.83 -11.06 2.53
CA SER A 356 13.73 -12.20 1.56
C SER A 356 12.97 -13.42 2.14
N THR A 357 12.79 -13.42 3.44
CA THR A 357 12.12 -14.52 4.12
C THR A 357 11.04 -14.03 5.10
N VAL A 358 10.18 -14.96 5.45
CA VAL A 358 9.16 -14.77 6.47
C VAL A 358 9.20 -15.99 7.39
N SER A 359 9.06 -15.73 8.68
CA SER A 359 9.13 -16.78 9.68
C SER A 359 7.85 -17.03 10.49
N ARG A 360 7.73 -18.26 10.92
CA ARG A 360 6.69 -18.68 11.85
C ARG A 360 7.38 -18.97 13.17
N LEU A 361 6.96 -18.28 14.20
CA LEU A 361 7.51 -18.42 15.54
C LEU A 361 6.50 -19.07 16.49
N ASP A 362 6.99 -20.04 17.23
CA ASP A 362 6.17 -20.70 18.24
C ASP A 362 5.99 -19.78 19.45
N GLU A 363 5.33 -20.31 20.45
CA GLU A 363 4.92 -19.56 21.65
C GLU A 363 6.11 -19.10 22.51
N ASN A 364 7.27 -19.71 22.31
CA ASN A 364 8.54 -19.16 22.87
C ASN A 364 9.30 -18.26 21.89
N TYR A 365 8.64 -17.90 20.79
CA TYR A 365 9.26 -17.07 19.76
C TYR A 365 10.48 -17.75 19.14
N GLN A 366 10.34 -19.04 18.90
CA GLN A 366 11.40 -19.86 18.28
C GLN A 366 10.77 -20.50 17.05
N PRO A 367 11.59 -21.04 16.13
CA PRO A 367 11.08 -21.58 14.88
C PRO A 367 9.93 -22.56 15.09
N TRP A 368 8.74 -22.12 14.68
CA TRP A 368 7.52 -22.93 14.72
C TRP A 368 7.64 -23.97 13.65
N GLY A 369 7.87 -25.20 14.07
CA GLY A 369 8.03 -26.30 13.13
C GLY A 369 9.37 -26.27 12.41
N PRO A 370 9.59 -27.25 11.51
CA PRO A 370 10.81 -27.47 10.72
C PRO A 370 11.04 -26.54 9.52
N GLU A 371 9.95 -26.04 8.96
CA GLU A 371 9.98 -25.04 7.87
C GLU A 371 9.56 -23.66 8.37
N ALA A 372 9.99 -23.29 9.55
CA ALA A 372 9.61 -21.99 10.14
C ALA A 372 9.83 -20.84 9.18
N GLU A 373 11.03 -20.79 8.65
CA GLU A 373 11.42 -19.71 7.76
C GLU A 373 11.03 -20.17 6.36
N LEU A 374 10.55 -19.23 5.55
CA LEU A 374 10.19 -19.53 4.14
C LEU A 374 10.60 -18.40 3.21
N PRO A 375 10.92 -18.73 1.95
CA PRO A 375 11.27 -17.65 1.04
C PRO A 375 10.05 -16.83 0.77
N LEU A 376 10.27 -15.54 0.65
CA LEU A 376 9.14 -14.64 0.37
C LEU A 376 8.41 -15.01 -0.91
N HIS A 377 9.11 -15.47 -1.93
CA HIS A 377 8.46 -15.67 -3.23
C HIS A 377 7.47 -16.80 -3.21
N THR A 378 7.58 -17.70 -2.25
CA THR A 378 6.63 -18.81 -2.12
C THR A 378 5.35 -18.41 -1.39
N LEU A 379 5.26 -17.15 -1.03
CA LEU A 379 4.17 -16.68 -0.16
C LEU A 379 3.27 -15.67 -0.84
N PHE A 380 3.54 -15.44 -2.11
CA PHE A 380 2.69 -14.58 -2.91
C PHE A 380 1.42 -15.36 -3.07
N PHE A 381 0.30 -14.68 -2.90
CA PHE A 381 -1.01 -15.31 -3.05
C PHE A 381 -1.07 -16.71 -2.41
N ASN A 382 -0.50 -16.77 -1.23
CA ASN A 382 -0.38 -18.00 -0.48
C ASN A 382 -1.22 -17.89 0.79
N THR A 383 -2.42 -18.44 0.71
CA THR A 383 -3.32 -18.47 1.88
C THR A 383 -3.24 -19.82 2.63
N TRP A 384 -2.91 -20.86 1.89
CA TRP A 384 -2.86 -22.20 2.49
C TRP A 384 -1.88 -22.30 3.64
N ARG A 385 -0.79 -21.56 3.52
CA ARG A 385 0.24 -21.52 4.57
C ARG A 385 -0.27 -20.92 5.89
N ILE A 386 -1.37 -20.20 5.83
CA ILE A 386 -2.03 -19.71 7.06
C ILE A 386 -3.03 -20.73 7.57
N ILE A 387 -3.88 -21.19 6.68
CA ILE A 387 -4.97 -22.11 7.02
C ILE A 387 -4.48 -23.49 7.43
N LYS A 388 -3.55 -24.02 6.66
CA LYS A 388 -3.08 -25.43 6.83
C LYS A 388 -1.71 -25.58 7.50
N ASP A 389 -1.26 -24.56 8.19
CA ASP A 389 0.12 -24.54 8.71
C ASP A 389 0.35 -23.51 9.81
N GLY A 390 -0.59 -23.46 10.74
CA GLY A 390 -0.39 -22.76 12.03
C GLY A 390 -1.28 -21.57 12.35
N GLY A 391 -1.95 -21.06 11.35
CA GLY A 391 -2.80 -19.86 11.51
C GLY A 391 -2.03 -18.56 11.55
N ILE A 392 -2.66 -17.57 12.15
CA ILE A 392 -2.16 -16.19 12.21
C ILE A 392 -1.03 -15.98 13.21
N ASP A 393 -1.15 -16.63 14.36
CA ASP A 393 -0.26 -16.33 15.51
C ASP A 393 1.25 -16.42 15.23
N PRO A 394 1.71 -17.51 14.57
CA PRO A 394 3.12 -17.67 14.31
C PRO A 394 3.67 -16.65 13.32
N LEU A 395 2.83 -16.26 12.37
CA LEU A 395 3.15 -15.15 11.44
C LEU A 395 3.26 -13.81 12.17
N VAL A 396 2.32 -13.60 13.08
CA VAL A 396 2.27 -12.36 13.91
C VAL A 396 3.51 -12.20 14.79
N ARG A 397 3.91 -13.29 15.41
CA ARG A 397 5.10 -13.26 16.25
C ARG A 397 6.30 -12.96 15.35
N GLY A 398 6.28 -13.53 14.17
CA GLY A 398 7.28 -13.17 13.15
C GLY A 398 7.32 -11.67 12.90
N LEU A 399 6.17 -11.10 12.64
CA LEU A 399 6.07 -9.63 12.41
C LEU A 399 6.71 -8.81 13.55
N LEU A 400 6.63 -9.31 14.76
CA LEU A 400 7.12 -8.54 15.93
C LEU A 400 8.59 -8.74 16.16
N ALA A 401 9.00 -9.99 16.10
CA ALA A 401 10.36 -10.41 16.46
C ALA A 401 11.33 -10.41 15.29
N LYS A 402 10.79 -10.42 14.08
CA LYS A 402 11.62 -10.28 12.86
C LYS A 402 11.83 -8.83 12.47
N ASN A 403 12.70 -8.64 11.50
CA ASN A 403 13.16 -7.31 11.09
C ASN A 403 12.73 -6.98 9.71
N SER A 404 12.52 -5.69 9.48
CA SER A 404 12.37 -5.15 8.13
C SER A 404 13.71 -5.12 7.44
N LYS A 405 13.68 -5.19 6.13
CA LYS A 405 14.89 -4.96 5.37
C LYS A 405 15.20 -3.47 5.49
N LEU A 406 16.46 -3.17 5.79
CA LEU A 406 16.95 -1.80 5.69
C LEU A 406 17.11 -1.51 4.20
N MET A 407 16.67 -0.35 3.79
CA MET A 407 16.98 0.10 2.45
C MET A 407 18.48 0.36 2.44
N ASN A 408 19.08 0.07 1.30
CA ASN A 408 20.52 0.05 1.15
C ASN A 408 20.81 0.32 -0.32
N GLN A 409 21.66 1.33 -0.54
CA GLN A 409 21.99 1.86 -1.89
C GLN A 409 22.66 0.86 -2.83
N ASN A 410 23.21 -0.17 -2.25
CA ASN A 410 23.81 -1.28 -2.99
C ASN A 410 22.95 -2.56 -2.93
N LYS A 411 21.92 -2.55 -2.09
CA LYS A 411 21.00 -3.68 -1.96
C LYS A 411 19.57 -3.20 -1.89
N MET A 412 19.05 -2.78 -3.02
CA MET A 412 17.77 -2.09 -3.04
C MET A 412 16.57 -3.00 -2.82
N VAL A 413 16.34 -3.94 -3.74
CA VAL A 413 15.15 -4.79 -3.68
C VAL A 413 15.54 -6.25 -3.80
N THR A 414 15.05 -7.06 -2.86
CA THR A 414 15.33 -8.50 -2.86
C THR A 414 14.84 -9.21 -4.12
N SER A 415 15.61 -10.17 -4.56
CA SER A 415 15.27 -10.91 -5.78
C SER A 415 13.95 -11.67 -5.63
N GLU A 416 13.48 -11.75 -4.41
CA GLU A 416 12.18 -12.35 -4.18
C GLU A 416 11.13 -11.53 -4.92
N LEU A 417 11.27 -10.22 -4.80
CA LEU A 417 10.41 -9.27 -5.50
C LEU A 417 10.92 -8.90 -6.91
N ARG A 418 12.22 -8.89 -7.06
CA ARG A 418 12.83 -8.34 -8.27
C ARG A 418 12.95 -9.37 -9.41
N ASN A 419 12.96 -10.67 -9.08
CA ASN A 419 13.07 -11.74 -10.09
C ASN A 419 12.02 -12.80 -9.98
N LYS A 420 11.30 -12.85 -8.87
CA LYS A 420 10.44 -14.02 -8.58
C LYS A 420 9.00 -13.66 -8.21
N LEU A 421 8.66 -12.40 -8.45
CA LEU A 421 7.28 -11.91 -8.29
C LEU A 421 6.33 -12.78 -9.10
N PHE A 422 5.26 -13.19 -8.45
CA PHE A 422 4.19 -13.89 -9.15
C PHE A 422 3.11 -12.88 -9.35
N GLN A 423 2.64 -12.76 -10.58
CA GLN A 423 1.42 -11.99 -10.87
C GLN A 423 0.27 -12.89 -11.28
N PRO A 424 -0.95 -12.60 -10.79
CA PRO A 424 -2.12 -13.35 -11.23
C PRO A 424 -2.36 -13.29 -12.74
N THR A 425 -3.09 -14.26 -13.24
CA THR A 425 -3.38 -14.41 -14.69
C THR A 425 -2.17 -14.93 -15.44
N HIS A 426 -1.01 -14.49 -14.98
CA HIS A 426 0.29 -14.96 -15.48
C HIS A 426 0.69 -16.12 -14.61
N LYS A 427 1.76 -16.80 -14.99
CA LYS A 427 1.99 -18.17 -14.48
C LYS A 427 3.27 -18.37 -13.67
N VAL A 428 4.23 -17.51 -13.91
CA VAL A 428 5.57 -17.74 -13.35
C VAL A 428 5.84 -16.91 -12.11
N HIS A 429 6.57 -17.53 -11.19
CA HIS A 429 7.29 -16.76 -10.16
C HIS A 429 8.52 -16.21 -10.78
N GLY A 430 8.33 -15.24 -11.66
CA GLY A 430 9.44 -14.73 -12.47
C GLY A 430 9.40 -13.30 -12.91
N PHE A 431 8.73 -12.48 -12.12
CA PHE A 431 8.47 -11.05 -12.50
C PHE A 431 9.32 -10.09 -11.66
N ASP A 432 9.40 -8.85 -12.11
CA ASP A 432 10.24 -7.82 -11.44
C ASP A 432 9.46 -6.61 -10.89
N LEU A 433 9.21 -6.60 -9.60
CA LEU A 433 8.56 -5.43 -9.01
C LEU A 433 9.29 -4.10 -9.34
N ALA A 434 10.61 -4.09 -9.24
CA ALA A 434 11.38 -2.87 -9.46
C ALA A 434 11.13 -2.41 -10.90
N ALA A 435 11.32 -3.32 -11.84
CA ALA A 435 11.11 -3.01 -13.28
C ALA A 435 9.67 -2.54 -13.53
N ILE A 436 8.74 -3.25 -12.91
CA ILE A 436 7.32 -2.87 -12.96
C ILE A 436 7.04 -1.47 -12.43
N ASN A 437 7.68 -1.11 -11.31
CA ASN A 437 7.55 0.26 -10.73
C ASN A 437 8.02 1.28 -11.74
N LEU A 438 9.03 0.91 -12.49
CA LEU A 438 9.65 1.90 -13.39
C LEU A 438 8.79 2.09 -14.65
N GLN A 439 8.39 0.99 -15.26
CA GLN A 439 7.49 1.07 -16.41
C GLN A 439 6.24 1.86 -16.00
N ARG A 440 5.83 1.66 -14.77
CA ARG A 440 4.64 2.34 -14.23
C ARG A 440 4.78 3.88 -14.04
N CYS A 441 5.91 4.31 -13.51
CA CYS A 441 6.23 5.75 -13.46
C CYS A 441 5.92 6.35 -14.80
N ARG A 442 6.43 5.64 -15.81
CA ARG A 442 6.34 6.08 -17.22
C ARG A 442 4.92 6.02 -17.70
N ASP A 443 4.33 4.86 -17.51
CA ASP A 443 2.90 4.63 -17.80
C ASP A 443 2.05 5.77 -17.24
N HIS A 444 2.37 6.21 -16.03
CA HIS A 444 1.61 7.29 -15.36
C HIS A 444 1.97 8.68 -15.72
N GLY A 445 2.92 8.85 -16.62
CA GLY A 445 3.39 10.21 -17.05
C GLY A 445 4.15 11.05 -16.03
N MET A 446 4.93 10.39 -15.22
CA MET A 446 5.64 11.07 -14.10
C MET A 446 6.70 12.04 -14.59
N PRO A 447 6.74 13.26 -14.00
CA PRO A 447 7.91 14.11 -14.19
C PRO A 447 9.16 13.45 -13.61
N GLY A 448 10.28 13.78 -14.18
CA GLY A 448 11.56 13.27 -13.70
C GLY A 448 11.96 13.71 -12.31
N TYR A 449 12.96 13.03 -11.81
CA TYR A 449 13.56 13.31 -10.51
C TYR A 449 13.77 14.80 -10.22
N ASN A 450 14.38 15.52 -11.16
CA ASN A 450 14.70 16.96 -10.89
C ASN A 450 13.47 17.86 -10.84
N SER A 451 12.46 17.49 -11.58
CA SER A 451 11.18 18.17 -11.49
C SER A 451 10.68 18.11 -10.05
N TRP A 452 10.73 16.91 -9.50
CA TRP A 452 10.27 16.66 -8.11
C TRP A 452 11.20 17.28 -7.10
N ARG A 453 12.49 17.29 -7.39
CA ARG A 453 13.45 18.05 -6.56
C ARG A 453 13.06 19.53 -6.51
N GLY A 454 12.82 20.12 -7.68
CA GLY A 454 12.32 21.52 -7.79
C GLY A 454 11.07 21.72 -6.93
N PHE A 455 10.09 20.87 -7.17
CA PHE A 455 8.84 20.84 -6.37
C PHE A 455 9.06 20.93 -4.86
N CYS A 456 9.99 20.12 -4.38
CA CYS A 456 10.28 20.04 -2.94
C CYS A 456 11.28 21.13 -2.49
N GLY A 457 11.61 22.03 -3.39
CA GLY A 457 12.54 23.12 -3.07
C GLY A 457 13.89 22.54 -2.70
N LEU A 458 14.32 21.57 -3.49
CA LEU A 458 15.62 20.89 -3.30
C LEU A 458 16.49 21.07 -4.55
N SER A 459 17.80 21.04 -4.36
CA SER A 459 18.76 21.21 -5.47
C SER A 459 18.49 20.20 -6.60
N GLN A 460 18.80 20.61 -7.80
CA GLN A 460 18.51 19.83 -8.99
C GLN A 460 19.82 19.52 -9.66
N PRO A 461 20.46 18.39 -9.32
CA PRO A 461 21.76 18.09 -9.92
C PRO A 461 21.70 17.92 -11.46
N LYS A 462 22.68 18.49 -12.12
CA LYS A 462 22.75 18.48 -13.59
C LYS A 462 23.93 17.66 -14.10
N THR A 463 24.81 17.33 -13.17
CA THR A 463 26.08 16.66 -13.47
C THR A 463 26.23 15.40 -12.65
N LEU A 464 27.13 14.55 -13.12
CA LEU A 464 27.58 13.39 -12.33
C LEU A 464 27.99 13.86 -10.94
N LYS A 465 28.97 14.76 -10.91
CA LYS A 465 29.51 15.26 -9.65
C LYS A 465 28.38 15.79 -8.77
N GLY A 466 27.42 16.44 -9.40
CA GLY A 466 26.23 16.91 -8.67
C GLY A 466 25.39 15.80 -8.04
N LEU A 467 25.21 14.75 -8.80
CA LEU A 467 24.34 13.66 -8.37
C LEU A 467 25.00 12.87 -7.28
N GLN A 468 26.31 12.81 -7.35
CA GLN A 468 27.08 12.10 -6.33
C GLN A 468 26.91 12.76 -4.97
N ALA A 469 26.80 14.08 -4.97
CA ALA A 469 26.77 14.84 -3.70
C ALA A 469 25.41 14.74 -3.04
N VAL A 470 24.39 14.75 -3.86
CA VAL A 470 23.01 14.52 -3.35
C VAL A 470 22.84 13.06 -2.89
N LEU A 471 23.25 12.12 -3.70
CA LEU A 471 23.09 10.71 -3.34
C LEU A 471 24.10 10.23 -2.28
N LYS A 472 25.15 11.00 -2.09
CA LYS A 472 26.25 10.63 -1.19
C LYS A 472 26.80 9.25 -1.59
N ASN A 473 27.02 9.08 -2.87
CA ASN A 473 27.42 7.78 -3.44
C ASN A 473 27.87 7.97 -4.89
N LYS A 474 29.17 7.84 -5.06
CA LYS A 474 29.81 8.03 -6.37
C LYS A 474 29.40 6.97 -7.36
N VAL A 475 29.45 5.74 -6.94
CA VAL A 475 29.23 4.61 -7.84
C VAL A 475 27.77 4.56 -8.29
N LEU A 476 26.87 4.64 -7.35
CA LEU A 476 25.43 4.72 -7.65
C LEU A 476 25.13 5.84 -8.66
N ALA A 477 25.66 7.02 -8.40
CA ALA A 477 25.46 8.18 -9.29
C ALA A 477 25.97 7.92 -10.71
N LYS A 478 27.08 7.20 -10.82
CA LYS A 478 27.65 6.87 -12.14
C LYS A 478 26.75 5.87 -12.85
N LYS A 479 26.35 4.85 -12.13
CA LYS A 479 25.49 3.81 -12.71
C LYS A 479 24.24 4.46 -13.32
N LEU A 480 23.59 5.28 -12.52
CA LEU A 480 22.35 5.92 -12.95
C LEU A 480 22.58 6.79 -14.17
N LEU A 481 23.62 7.63 -14.11
CA LEU A 481 23.94 8.51 -15.24
C LEU A 481 24.42 7.77 -16.49
N ASP A 482 24.88 6.54 -16.33
CA ASP A 482 25.28 5.73 -17.47
C ASP A 482 24.03 5.21 -18.17
N LEU A 483 22.95 5.06 -17.41
CA LEU A 483 21.65 4.64 -17.96
C LEU A 483 20.78 5.83 -18.36
N TYR A 484 20.58 6.73 -17.42
CA TYR A 484 19.84 7.96 -17.69
C TYR A 484 20.95 8.90 -18.00
N LYS A 485 20.89 9.71 -19.02
CA LYS A 485 22.12 10.45 -19.30
C LYS A 485 22.16 11.73 -18.54
N THR A 486 21.01 12.07 -18.01
CA THR A 486 20.83 13.31 -17.27
C THR A 486 20.00 12.99 -16.04
N PRO A 487 20.31 13.60 -14.89
CA PRO A 487 19.44 13.36 -13.74
C PRO A 487 17.99 13.76 -14.02
N ASP A 488 17.80 14.68 -14.96
CA ASP A 488 16.43 15.07 -15.38
C ASP A 488 15.58 13.90 -15.88
N ASN A 489 16.23 12.85 -16.34
CA ASN A 489 15.51 11.65 -16.85
C ASN A 489 15.29 10.52 -15.85
N ILE A 490 15.95 10.63 -14.70
CA ILE A 490 15.85 9.58 -13.68
C ILE A 490 14.39 9.49 -13.25
N ASP A 491 13.84 8.30 -13.37
CA ASP A 491 12.48 8.01 -12.91
C ASP A 491 12.32 8.28 -11.39
N ILE A 492 11.24 8.94 -11.04
CA ILE A 492 11.09 9.40 -9.65
C ILE A 492 11.29 8.24 -8.67
N TRP A 493 10.73 7.09 -8.98
CA TRP A 493 10.74 5.97 -8.04
C TRP A 493 12.14 5.60 -7.64
N ILE A 494 12.99 5.41 -8.63
CA ILE A 494 14.39 5.03 -8.37
C ILE A 494 15.18 6.22 -7.82
N GLY A 495 14.88 7.41 -8.29
CA GLY A 495 15.62 8.62 -7.85
C GLY A 495 15.41 8.94 -6.38
N GLY A 496 14.17 9.03 -5.99
CA GLY A 496 13.84 9.34 -4.60
C GLY A 496 14.43 8.31 -3.67
N ASN A 497 14.27 7.06 -4.06
CA ASN A 497 14.75 5.92 -3.25
C ASN A 497 16.26 5.82 -3.20
N ALA A 498 16.87 6.28 -4.26
CA ALA A 498 18.34 6.39 -4.31
C ALA A 498 18.92 7.27 -3.20
N GLU A 499 18.14 8.20 -2.70
CA GLU A 499 18.62 9.20 -1.74
C GLU A 499 18.85 8.62 -0.35
N PRO A 500 19.95 8.99 0.32
CA PRO A 500 20.19 8.60 1.71
C PRO A 500 19.08 9.03 2.64
N MET A 501 18.81 8.20 3.62
CA MET A 501 17.74 8.46 4.59
C MET A 501 17.99 9.69 5.49
N VAL A 502 16.90 10.35 5.84
CA VAL A 502 16.95 11.46 6.81
C VAL A 502 17.17 10.90 8.19
N GLU A 503 17.76 11.76 9.01
CA GLU A 503 18.10 11.43 10.39
C GLU A 503 16.81 10.95 11.03
N ARG A 504 16.91 9.85 11.74
CA ARG A 504 15.76 9.24 12.44
C ARG A 504 14.64 8.68 11.54
N GLY A 505 14.81 8.79 10.22
CA GLY A 505 13.78 8.34 9.26
C GLY A 505 14.23 7.17 8.41
N ARG A 506 13.44 6.89 7.39
CA ARG A 506 13.67 5.75 6.47
C ARG A 506 13.44 6.04 4.98
N VAL A 507 13.36 7.33 4.68
CA VAL A 507 13.31 7.86 3.33
C VAL A 507 14.16 9.12 3.27
N GLY A 508 14.58 9.46 2.06
CA GLY A 508 15.44 10.61 1.86
C GLY A 508 14.62 11.87 1.79
N PRO A 509 15.29 13.00 1.63
CA PRO A 509 14.61 14.28 1.66
C PRO A 509 13.48 14.41 0.65
N LEU A 510 13.71 13.99 -0.59
CA LEU A 510 12.69 14.19 -1.64
C LEU A 510 11.43 13.44 -1.25
N LEU A 511 11.62 12.18 -0.90
CA LEU A 511 10.52 11.33 -0.51
C LEU A 511 9.78 11.86 0.73
N ALA A 512 10.56 12.24 1.74
CA ALA A 512 10.00 12.79 2.99
C ALA A 512 9.13 14.01 2.76
N CYS A 513 9.52 14.82 1.80
CA CYS A 513 8.72 15.95 1.34
C CYS A 513 7.42 15.52 0.68
N LEU A 514 7.51 14.59 -0.27
CA LEU A 514 6.33 14.06 -0.99
C LEU A 514 5.38 13.31 -0.06
N LEU A 515 5.94 12.40 0.74
CA LEU A 515 5.13 11.61 1.71
C LEU A 515 4.52 12.53 2.76
N GLY A 516 5.38 13.28 3.42
CA GLY A 516 4.97 14.29 4.42
C GLY A 516 3.86 15.22 3.99
N ARG A 517 3.96 15.75 2.78
CA ARG A 517 2.90 16.62 2.25
C ARG A 517 1.58 15.82 2.10
N GLN A 518 1.65 14.72 1.38
CA GLN A 518 0.45 13.91 1.17
C GLN A 518 -0.26 13.61 2.49
N PHE A 519 0.48 13.01 3.40
CA PHE A 519 -0.07 12.64 4.71
C PHE A 519 -0.60 13.86 5.47
N GLN A 520 0.11 14.97 5.43
CA GLN A 520 -0.44 16.23 5.97
C GLN A 520 -1.83 16.55 5.39
N GLN A 521 -1.97 16.31 4.09
CA GLN A 521 -3.16 16.71 3.37
C GLN A 521 -4.30 15.77 3.64
N ILE A 522 -3.97 14.52 3.86
CA ILE A 522 -5.02 13.52 4.06
C ILE A 522 -5.59 13.66 5.50
N ARG A 523 -4.77 14.20 6.38
CA ARG A 523 -5.19 14.44 7.75
C ARG A 523 -5.97 15.75 7.85
N ASP A 524 -5.31 16.83 7.47
CA ASP A 524 -5.90 18.20 7.47
C ASP A 524 -7.15 18.33 6.62
N GLY A 525 -7.19 17.61 5.51
CA GLY A 525 -8.31 17.68 4.54
C GLY A 525 -9.47 16.71 4.80
N ASP A 526 -9.39 16.00 5.92
CA ASP A 526 -10.38 14.95 6.29
C ASP A 526 -11.34 15.44 7.39
N ARG A 527 -12.57 15.68 6.98
CA ARG A 527 -13.63 16.10 7.91
C ARG A 527 -13.78 15.11 9.05
N PHE A 528 -13.63 13.86 8.68
CA PHE A 528 -13.82 12.76 9.63
C PHE A 528 -12.58 12.34 10.39
N TRP A 529 -11.51 13.11 10.24
CA TRP A 529 -10.33 12.91 11.06
C TRP A 529 -10.71 12.72 12.51
N TRP A 530 -10.22 11.64 13.07
CA TRP A 530 -10.59 11.21 14.43
C TRP A 530 -10.44 12.30 15.48
N GLU A 531 -9.45 13.15 15.30
CA GLU A 531 -9.14 14.19 16.28
C GLU A 531 -9.81 15.55 16.01
N ASN A 532 -10.55 15.63 14.93
CA ASN A 532 -11.34 16.82 14.63
C ASN A 532 -12.48 16.99 15.64
N PRO A 533 -12.52 18.12 16.35
CA PRO A 533 -13.62 18.39 17.28
C PRO A 533 -14.98 17.96 16.73
N GLY A 534 -15.62 17.07 17.47
CA GLY A 534 -16.98 16.64 17.15
C GLY A 534 -17.12 15.26 16.57
N VAL A 535 -16.03 14.73 16.06
CA VAL A 535 -16.08 13.44 15.37
C VAL A 535 -16.24 12.33 16.38
N PHE A 536 -15.39 12.36 17.38
CA PHE A 536 -15.51 11.52 18.58
C PHE A 536 -15.80 12.43 19.77
N THR A 537 -16.35 11.89 20.84
CA THR A 537 -16.44 12.66 22.10
C THR A 537 -15.05 12.78 22.70
N GLU A 538 -14.88 13.77 23.54
CA GLU A 538 -13.58 14.10 24.13
C GLU A 538 -13.17 13.10 25.23
N LYS A 539 -14.17 12.38 25.70
CA LYS A 539 -13.93 11.20 26.56
C LYS A 539 -13.46 10.03 25.71
N GLN A 540 -14.11 9.87 24.57
CA GLN A 540 -13.80 8.80 23.60
C GLN A 540 -12.36 8.89 23.09
N ARG A 541 -11.91 10.12 22.95
CA ARG A 541 -10.55 10.40 22.47
C ARG A 541 -9.45 10.03 23.45
N ASP A 542 -9.69 10.29 24.73
CA ASP A 542 -8.77 9.86 25.81
C ASP A 542 -8.64 8.34 25.80
N SER A 543 -9.74 7.66 25.47
CA SER A 543 -9.75 6.20 25.21
C SER A 543 -8.95 5.78 23.95
N LEU A 544 -9.26 6.42 22.83
CA LEU A 544 -8.57 6.12 21.55
C LEU A 544 -7.05 6.38 21.64
N GLN A 545 -6.71 7.40 22.42
CA GLN A 545 -5.29 7.85 22.60
C GLN A 545 -4.30 6.76 23.04
N LYS A 546 -4.84 5.65 23.53
CA LYS A 546 -4.00 4.60 24.08
C LYS A 546 -3.88 3.38 23.21
N VAL A 547 -4.48 3.42 22.03
CA VAL A 547 -4.44 2.26 21.13
C VAL A 547 -3.00 1.93 20.81
N SER A 548 -2.80 0.67 20.46
CA SER A 548 -1.51 0.15 20.04
C SER A 548 -1.68 -1.06 19.14
N PHE A 549 -0.75 -1.27 18.26
CA PHE A 549 -0.78 -2.48 17.45
C PHE A 549 -0.61 -3.73 18.31
N SER A 550 0.18 -3.59 19.36
CA SER A 550 0.32 -4.66 20.37
C SER A 550 -1.06 -5.04 20.92
N ARG A 551 -1.77 -4.06 21.44
CA ARG A 551 -3.11 -4.31 21.97
C ARG A 551 -4.01 -5.08 20.96
N LEU A 552 -3.99 -4.59 19.73
CA LEU A 552 -4.73 -5.22 18.59
C LEU A 552 -4.41 -6.69 18.44
N ILE A 553 -3.13 -7.00 18.49
CA ILE A 553 -2.65 -8.40 18.53
C ILE A 553 -3.31 -9.11 19.72
N CYS A 554 -3.01 -8.61 20.92
CA CYS A 554 -3.50 -9.25 22.17
C CYS A 554 -4.96 -9.66 22.03
N ASP A 555 -5.76 -8.69 21.60
CA ASP A 555 -7.22 -8.83 21.45
C ASP A 555 -7.68 -9.81 20.40
N ASN A 556 -6.90 -10.00 19.35
CA ASN A 556 -7.41 -10.71 18.14
C ASN A 556 -6.57 -11.90 17.71
N THR A 557 -5.74 -12.36 18.64
CA THR A 557 -4.89 -13.53 18.48
C THR A 557 -4.73 -14.19 19.84
N HIS A 558 -3.88 -15.19 19.91
CA HIS A 558 -3.50 -15.74 21.22
C HIS A 558 -2.07 -15.48 21.53
N ILE A 559 -1.57 -14.37 21.01
CA ILE A 559 -0.22 -13.88 21.37
C ILE A 559 -0.34 -13.13 22.67
N THR A 560 0.28 -13.67 23.71
CA THR A 560 0.23 -13.09 25.07
C THR A 560 1.49 -12.30 25.42
N LYS A 561 2.57 -12.58 24.69
CA LYS A 561 3.86 -11.87 24.87
C LYS A 561 4.08 -10.88 23.70
N VAL A 562 4.01 -9.60 24.01
CA VAL A 562 4.16 -8.57 22.98
C VAL A 562 5.05 -7.45 23.48
N PRO A 563 5.63 -6.69 22.53
CA PRO A 563 6.41 -5.54 22.91
C PRO A 563 5.51 -4.36 23.14
N LEU A 564 6.04 -3.35 23.78
CA LEU A 564 5.29 -2.12 24.01
C LEU A 564 5.28 -1.27 22.73
N HIS A 565 6.45 -1.20 22.12
CA HIS A 565 6.68 -0.41 20.90
C HIS A 565 6.87 -1.35 19.72
N ALA A 566 5.75 -1.82 19.19
CA ALA A 566 5.69 -2.84 18.11
C ALA A 566 6.47 -2.60 16.81
N PHE A 567 6.74 -1.34 16.51
CA PHE A 567 7.39 -0.97 15.23
C PHE A 567 8.90 -0.96 15.29
N GLN A 568 9.45 -0.86 16.48
CA GLN A 568 10.92 -0.92 16.61
C GLN A 568 11.33 -2.39 16.65
N ALA A 569 12.59 -2.66 16.34
CA ALA A 569 13.12 -4.02 16.43
C ALA A 569 13.05 -4.47 17.89
N ASN A 570 12.54 -5.66 18.11
CA ASN A 570 12.27 -6.17 19.47
C ASN A 570 12.65 -7.63 19.59
N ASN A 571 13.47 -7.90 20.59
CA ASN A 571 13.96 -9.24 20.85
C ASN A 571 13.27 -9.83 22.05
N TYR A 572 12.89 -11.08 21.89
CA TYR A 572 12.24 -11.88 22.93
C TYR A 572 13.32 -12.57 23.77
N PRO A 573 13.14 -12.65 25.11
CA PRO A 573 12.01 -12.18 25.91
C PRO A 573 12.16 -10.75 26.43
N HIS A 574 13.38 -10.26 26.38
CA HIS A 574 13.77 -8.94 26.96
C HIS A 574 12.80 -7.82 26.68
N ASP A 575 12.49 -7.60 25.42
CA ASP A 575 11.62 -6.45 25.02
C ASP A 575 10.15 -6.81 25.02
N PHE A 576 9.83 -8.02 25.46
CA PHE A 576 8.45 -8.48 25.43
C PHE A 576 7.86 -8.41 26.85
N VAL A 577 6.58 -8.08 26.92
CA VAL A 577 5.81 -8.08 28.17
C VAL A 577 4.57 -8.92 27.92
N ASP A 578 3.86 -9.23 28.99
CA ASP A 578 2.55 -9.91 28.87
C ASP A 578 1.51 -8.89 28.39
N CYS A 579 0.54 -9.38 27.64
CA CYS A 579 -0.60 -8.54 27.19
C CYS A 579 -1.22 -7.68 28.31
N SER A 580 -1.22 -8.23 29.52
CA SER A 580 -1.69 -7.51 30.75
C SER A 580 -1.02 -6.14 30.99
N ALA A 581 0.25 -6.04 30.66
CA ALA A 581 0.99 -4.77 30.81
C ALA A 581 0.64 -3.69 29.76
N VAL A 582 -0.15 -4.07 28.77
CA VAL A 582 -0.44 -3.19 27.62
C VAL A 582 -1.81 -2.55 27.74
N ASP A 583 -1.84 -1.24 27.63
CA ASP A 583 -3.09 -0.46 27.66
C ASP A 583 -4.18 -1.01 26.74
N LYS A 584 -5.40 -0.97 27.24
CA LYS A 584 -6.59 -1.47 26.52
C LYS A 584 -7.44 -0.35 25.92
N LEU A 585 -8.28 -0.74 24.98
CA LEU A 585 -9.30 0.17 24.43
C LEU A 585 -10.50 0.11 25.38
N ASP A 586 -10.69 1.19 26.13
CA ASP A 586 -11.88 1.29 27.00
C ASP A 586 -13.03 1.86 26.21
N LEU A 587 -13.95 0.98 25.85
CA LEU A 587 -15.17 1.38 25.12
C LEU A 587 -16.31 1.89 26.03
N SER A 588 -15.94 2.37 27.21
CA SER A 588 -16.92 2.95 28.14
C SER A 588 -17.61 4.14 27.49
N PRO A 589 -16.83 5.13 27.01
CA PRO A 589 -17.49 6.29 26.40
C PRO A 589 -18.42 6.00 25.20
N TRP A 590 -18.54 4.74 24.84
CA TRP A 590 -19.49 4.32 23.77
C TRP A 590 -20.80 3.77 24.27
N ALA A 591 -20.97 3.82 25.58
CA ALA A 591 -22.26 3.54 26.22
C ALA A 591 -23.28 4.61 25.80
N SER A 592 -24.42 4.15 25.31
CA SER A 592 -25.46 5.01 24.70
C SER A 592 -26.54 5.42 25.71
N ARG A 593 -27.02 6.64 25.54
CA ARG A 593 -28.09 7.23 26.40
C ARG A 593 -29.30 7.75 25.61
N GLU A 594 -30.33 6.93 25.56
CA GLU A 594 -31.60 7.27 24.88
C GLU A 594 -32.42 8.26 25.72
N ASN A 595 -32.35 8.04 27.03
CA ASN A 595 -33.03 8.87 28.05
C ASN A 595 -32.17 10.05 28.46
#